data_4GIV
#
_entry.id   4GIV
#
_cell.length_a   84.420
_cell.length_b   32.500
_cell.length_c   151.380
_cell.angle_alpha   90.000
_cell.angle_beta   97.520
_cell.angle_gamma   90.000
#
_symmetry.space_group_name_H-M   'C 1 2 1'
#
loop_
_entity.id
_entity.type
_entity.pdbx_description
1 polymer 'Ubiquitin-like protein SMT3, Peptidyl-prolyl cis-trans isomerase'
2 non-polymer '3-(pyridin-3-yl)propyl (2S)-1-[(3-nitrophenyl)sulfonyl]piperidine-2-carboxylate'
3 non-polymer 'FORMIC ACID'
4 water water
#
_entity_poly.entity_id   1
_entity_poly.type   'polypeptide(L)'
_entity_poly.pdbx_seq_one_letter_code
;MGHHHHHHSGEVKPEVKPETHINLKVSDGSSEIFFKIKKTTPLRRLMEAFAKRQGKEMDSLRFLYDGIRIQADQTPEDLD
MEDNDIIEAHREQIGGSTVVTTESGLKYEDLTEGSGAEARAGQTVSVHYTGWLTDGQKFGSSKDRNDPFAFVLGGGMVIK
GWDEGVQGMKVGGVRRLTIPPQLGYGARGAGGVIPPNATLVFEVELLDV
;
_entity_poly.pdbx_strand_id   A,B
#
# COMPACT_ATOMS: atom_id res chain seq x y z
N PRO A 18 5.57 51.50 -2.43
CA PRO A 18 6.35 50.42 -3.04
C PRO A 18 5.91 49.03 -2.60
N GLU A 19 6.63 48.00 -3.06
CA GLU A 19 6.29 46.62 -2.77
C GLU A 19 6.83 46.40 -1.39
N THR A 20 5.93 46.23 -0.44
CA THR A 20 6.31 46.08 0.95
C THR A 20 6.53 44.63 1.37
N HIS A 21 5.97 43.68 0.61
CA HIS A 21 5.98 42.30 1.01
C HIS A 21 6.72 41.47 0.00
N ILE A 22 7.07 40.21 0.31
CA ILE A 22 7.84 39.40 -0.58
C ILE A 22 7.37 37.94 -0.44
N ASN A 23 7.38 37.18 -1.54
CA ASN A 23 7.06 35.77 -1.50
C ASN A 23 8.34 35.00 -1.54
N LEU A 24 8.49 33.99 -0.73
CA LEU A 24 9.72 33.22 -0.75
C LEU A 24 9.41 31.73 -0.76
N LYS A 25 10.12 30.97 -1.57
CA LYS A 25 9.89 29.52 -1.46
C LYS A 25 10.95 28.83 -0.68
N VAL A 26 10.50 27.90 0.17
CA VAL A 26 11.40 27.06 0.89
C VAL A 26 11.38 25.67 0.40
N SER A 27 12.50 25.14 0.01
CA SER A 27 12.58 23.77 -0.39
C SER A 27 13.46 22.95 0.56
N ASP A 28 13.00 21.78 0.96
CA ASP A 28 13.81 20.85 1.74
C ASP A 28 14.26 19.64 0.93
N GLY A 29 14.05 19.72 -0.38
CA GLY A 29 14.42 18.64 -1.30
C GLY A 29 13.38 17.58 -1.53
N SER A 30 12.23 17.66 -0.86
CA SER A 30 11.11 16.75 -1.13
C SER A 30 9.95 17.53 -1.62
N SER A 31 9.71 18.70 -1.03
CA SER A 31 8.63 19.58 -1.47
C SER A 31 8.95 21.06 -1.29
N GLU A 32 8.12 21.93 -1.82
CA GLU A 32 8.28 23.34 -1.75
C GLU A 32 7.06 23.95 -1.08
N ILE A 33 7.29 25.02 -0.33
CA ILE A 33 6.25 25.71 0.37
C ILE A 33 6.57 27.21 0.23
N PHE A 34 5.53 28.04 0.16
CA PHE A 34 5.67 29.46 -0.05
C PHE A 34 5.24 30.22 1.17
N PHE A 35 5.93 31.30 1.45
CA PHE A 35 5.66 32.14 2.57
C PHE A 35 5.67 33.54 2.07
N LYS A 36 4.66 34.31 2.40
CA LYS A 36 4.70 35.72 2.15
C LYS A 36 4.88 36.48 3.45
N ILE A 37 5.93 37.28 3.52
CA ILE A 37 6.22 38.11 4.69
C ILE A 37 6.66 39.50 4.22
N LYS A 38 6.55 40.42 5.16
CA LYS A 38 6.97 41.80 4.94
C LYS A 38 8.47 41.81 4.79
N LYS A 39 9.02 42.66 3.98
CA LYS A 39 10.49 42.64 3.75
C LYS A 39 11.31 43.11 4.98
N THR A 40 10.64 43.76 5.91
CA THR A 40 11.23 44.15 7.19
C THR A 40 11.08 43.12 8.29
N THR A 41 10.43 42.00 8.01
CA THR A 41 10.22 40.97 9.03
C THR A 41 11.45 40.05 9.08
N PRO A 42 11.98 39.79 10.27
CA PRO A 42 13.03 38.84 10.43
C PRO A 42 12.64 37.43 9.97
N LEU A 43 13.60 36.75 9.37
CA LEU A 43 13.33 35.49 8.77
C LEU A 43 12.92 34.41 9.80
N ARG A 44 13.21 34.65 11.07
CA ARG A 44 12.69 33.81 12.15
C ARG A 44 11.23 33.43 11.94
N ARG A 45 10.41 34.42 11.62
CA ARG A 45 8.98 34.22 11.38
C ARG A 45 8.73 33.15 10.30
N LEU A 46 9.55 33.16 9.23
CA LEU A 46 9.39 32.18 8.16
C LEU A 46 10.05 30.85 8.56
N MET A 47 11.16 30.89 9.25
CA MET A 47 11.81 29.65 9.73
C MET A 47 10.92 28.88 10.74
N GLU A 48 10.21 29.63 11.61
CA GLU A 48 9.28 29.04 12.65
C GLU A 48 8.02 28.46 12.00
N ALA A 49 7.45 29.18 11.04
CA ALA A 49 6.30 28.69 10.31
C ALA A 49 6.70 27.44 9.55
N PHE A 50 7.93 27.35 9.09
CA PHE A 50 8.34 26.13 8.34
C PHE A 50 8.52 24.94 9.28
N ALA A 51 9.31 25.13 10.33
CA ALA A 51 9.56 24.10 11.36
C ALA A 51 8.27 23.49 11.96
N LYS A 52 7.37 24.36 12.43
CA LYS A 52 6.12 23.90 13.05
C LYS A 52 5.29 23.09 12.08
N ARG A 53 5.39 23.39 10.78
CA ARG A 53 4.59 22.72 9.75
C ARG A 53 5.12 21.35 9.40
N GLN A 54 6.41 21.16 9.59
CA GLN A 54 7.06 19.87 9.42
C GLN A 54 7.08 19.07 10.72
N GLY A 55 6.40 19.56 11.75
CA GLY A 55 6.41 18.92 13.07
C GLY A 55 7.82 18.79 13.63
N LYS A 56 8.59 19.86 13.46
CA LYS A 56 10.04 19.84 13.70
C LYS A 56 10.50 21.04 14.53
N GLU A 57 11.35 20.78 15.52
CA GLU A 57 11.96 21.83 16.33
C GLU A 57 12.83 22.71 15.43
N MET A 58 12.82 24.01 15.65
CA MET A 58 13.58 24.93 14.80
C MET A 58 15.11 24.71 14.93
N ASP A 59 15.53 24.16 16.07
CA ASP A 59 16.93 23.76 16.31
C ASP A 59 17.50 22.83 15.23
N SER A 60 16.72 21.85 14.76
CA SER A 60 17.21 20.79 13.87
C SER A 60 17.17 21.16 12.37
N LEU A 61 17.05 22.45 12.07
CA LEU A 61 16.89 22.90 10.68
C LEU A 61 17.92 23.99 10.47
N ARG A 62 18.60 23.94 9.33
CA ARG A 62 19.47 25.00 8.87
C ARG A 62 18.94 25.52 7.53
N PHE A 63 19.05 26.83 7.31
CA PHE A 63 18.44 27.50 6.16
C PHE A 63 19.48 28.27 5.39
N LEU A 64 19.59 28.03 4.09
CA LEU A 64 20.56 28.70 3.22
C LEU A 64 19.86 29.53 2.21
N TYR A 65 20.46 30.67 1.87
CA TYR A 65 20.02 31.47 0.76
C TYR A 65 21.27 31.82 -0.03
N ASP A 66 21.28 31.48 -1.32
CA ASP A 66 22.41 31.86 -2.20
C ASP A 66 23.75 31.26 -1.64
N GLY A 67 23.68 30.14 -0.95
CA GLY A 67 24.90 29.51 -0.47
C GLY A 67 25.37 30.01 0.90
N ILE A 68 24.68 30.99 1.47
CA ILE A 68 25.02 31.64 2.71
C ILE A 68 23.97 31.36 3.80
N ARG A 69 24.46 30.99 4.99
CA ARG A 69 23.61 30.60 6.11
C ARG A 69 22.77 31.72 6.62
N ILE A 70 21.47 31.51 6.79
CA ILE A 70 20.59 32.60 7.23
C ILE A 70 20.52 32.61 8.73
N GLN A 71 20.48 33.78 9.34
CA GLN A 71 20.31 33.92 10.77
C GLN A 71 18.98 34.49 11.02
N ALA A 72 18.48 34.27 12.21
CA ALA A 72 17.06 34.50 12.44
C ALA A 72 16.72 35.96 12.56
N ASP A 73 17.71 36.79 12.89
CA ASP A 73 17.49 38.24 12.94
C ASP A 73 17.67 38.98 11.62
N GLN A 74 18.00 38.27 10.57
CA GLN A 74 18.14 38.91 9.30
C GLN A 74 16.77 39.02 8.60
N THR A 75 16.57 40.12 7.88
CA THR A 75 15.34 40.36 7.15
C THR A 75 15.58 40.17 5.61
N PRO A 76 14.52 39.98 4.83
CA PRO A 76 14.69 39.87 3.35
C PRO A 76 15.39 41.09 2.76
N GLU A 77 14.99 42.25 3.18
CA GLU A 77 15.72 43.42 2.87
C GLU A 77 17.23 43.48 3.22
N ASP A 78 17.67 43.05 4.44
CA ASP A 78 19.11 42.93 4.70
C ASP A 78 19.80 42.08 3.58
N LEU A 79 19.16 41.03 3.10
CA LEU A 79 19.86 40.07 2.26
C LEU A 79 19.58 40.35 0.75
N ASP A 80 19.04 41.52 0.44
CA ASP A 80 18.67 41.88 -0.96
C ASP A 80 17.82 40.77 -1.63
N MET A 81 16.86 40.22 -0.91
CA MET A 81 16.00 39.17 -1.45
C MET A 81 15.01 39.75 -2.49
N GLU A 82 14.67 38.92 -3.44
CA GLU A 82 13.73 39.27 -4.48
C GLU A 82 12.64 38.25 -4.45
N ASP A 83 11.49 38.70 -4.89
CA ASP A 83 10.28 37.94 -4.91
C ASP A 83 10.48 36.57 -5.61
N ASN A 84 10.02 35.50 -4.94
CA ASN A 84 10.18 34.13 -5.41
C ASN A 84 11.58 33.56 -5.35
N ASP A 85 12.47 34.20 -4.61
CA ASP A 85 13.76 33.62 -4.27
C ASP A 85 13.53 32.37 -3.45
N ILE A 86 14.51 31.45 -3.53
CA ILE A 86 14.44 30.15 -2.93
C ILE A 86 15.33 30.13 -1.74
N ILE A 87 14.83 29.57 -0.65
CA ILE A 87 15.61 29.27 0.51
C ILE A 87 15.72 27.74 0.61
N GLU A 88 16.94 27.24 0.85
CA GLU A 88 17.11 25.81 1.09
C GLU A 88 16.97 25.48 2.55
N ALA A 89 16.13 24.49 2.87
CA ALA A 89 16.00 24.02 4.26
C ALA A 89 16.70 22.68 4.35
N HIS A 90 17.75 22.61 5.18
CA HIS A 90 18.59 21.45 5.33
C HIS A 90 18.23 20.73 6.60
N ARG A 91 17.74 19.50 6.51
CA ARG A 91 17.38 18.66 7.68
C ARG A 91 18.38 17.58 7.98
N GLU A 92 19.25 17.26 7.04
CA GLU A 92 20.19 16.18 7.21
C GLU A 92 21.24 16.52 8.27
N GLN A 93 22.07 15.56 8.60
CA GLN A 93 23.09 15.73 9.56
C GLN A 93 24.08 16.80 9.18
N ILE A 94 24.66 17.40 10.21
CA ILE A 94 25.62 18.46 10.05
C ILE A 94 26.81 17.85 9.45
N GLY A 95 27.53 18.61 8.66
CA GLY A 95 28.78 18.13 8.13
C GLY A 95 28.76 17.70 6.68
N GLY A 96 27.67 18.00 5.95
CA GLY A 96 27.53 17.58 4.57
C GLY A 96 26.82 16.26 4.26
N SER A 97 25.76 16.36 3.47
CA SER A 97 25.03 15.26 2.84
CA SER A 97 25.15 15.10 2.98
C SER A 97 25.71 14.53 1.68
N THR A 98 25.34 13.25 1.47
CA THR A 98 25.72 12.45 0.36
C THR A 98 24.52 11.82 -0.29
N VAL A 99 24.37 11.94 -1.60
CA VAL A 99 23.31 11.19 -2.27
C VAL A 99 24.01 10.05 -2.94
N VAL A 100 23.55 8.84 -2.66
CA VAL A 100 24.16 7.63 -3.18
C VAL A 100 23.25 7.11 -4.30
N THR A 101 23.87 6.80 -5.43
CA THR A 101 23.24 6.13 -6.57
C THR A 101 23.87 4.76 -6.69
N THR A 102 23.07 3.73 -6.46
CA THR A 102 23.49 2.33 -6.59
C THR A 102 23.39 1.88 -8.06
N GLU A 103 23.89 0.69 -8.30
CA GLU A 103 23.95 0.04 -9.62
C GLU A 103 22.56 -0.05 -10.28
N SER A 104 21.51 -0.25 -9.50
CA SER A 104 20.17 -0.35 -10.05
C SER A 104 19.61 0.99 -10.53
N GLY A 105 20.32 2.09 -10.28
CA GLY A 105 19.80 3.42 -10.57
C GLY A 105 19.07 4.00 -9.37
N LEU A 106 18.84 3.24 -8.32
CA LEU A 106 18.26 3.81 -7.09
C LEU A 106 19.12 4.94 -6.53
N LYS A 107 18.50 6.00 -6.04
CA LYS A 107 19.21 6.96 -5.22
C LYS A 107 18.69 6.96 -3.75
N TYR A 108 19.59 7.15 -2.79
CA TYR A 108 19.15 7.39 -1.40
C TYR A 108 20.04 8.40 -0.67
N GLU A 109 19.44 9.11 0.26
CA GLU A 109 20.15 10.02 1.10
C GLU A 109 19.73 9.79 2.56
N ASP A 110 20.69 9.57 3.44
CA ASP A 110 20.36 9.44 4.85
C ASP A 110 20.24 10.82 5.48
N LEU A 111 19.03 11.22 5.87
CA LEU A 111 18.83 12.49 6.51
C LEU A 111 19.18 12.35 8.01
N THR A 112 18.59 11.37 8.65
CA THR A 112 18.92 11.04 10.00
C THR A 112 19.48 9.62 10.04
N GLU A 113 20.69 9.54 10.52
CA GLU A 113 21.37 8.28 10.77
C GLU A 113 20.80 7.61 12.01
N GLY A 114 20.44 6.34 11.90
CA GLY A 114 19.92 5.65 13.10
C GLY A 114 20.89 5.39 14.22
N SER A 115 20.37 4.98 15.36
CA SER A 115 21.24 4.50 16.48
C SER A 115 21.07 3.01 16.62
N GLY A 116 19.90 2.50 16.19
CA GLY A 116 19.56 1.09 16.37
C GLY A 116 20.29 0.08 15.48
N ALA A 117 19.68 -1.10 15.33
CA ALA A 117 20.31 -2.23 14.63
C ALA A 117 20.08 -2.11 13.13
N GLU A 118 21.03 -2.57 12.33
CA GLU A 118 20.90 -2.48 10.87
C GLU A 118 19.87 -3.43 10.27
N ALA A 119 19.05 -2.91 9.35
CA ALA A 119 18.09 -3.76 8.63
C ALA A 119 18.81 -4.61 7.57
N ARG A 120 18.27 -5.81 7.35
CA ARG A 120 18.88 -6.80 6.47
C ARG A 120 17.78 -7.72 5.84
N ALA A 121 18.05 -8.20 4.64
CA ALA A 121 17.12 -9.07 3.92
C ALA A 121 16.74 -10.21 4.82
N GLY A 122 15.44 -10.52 4.82
CA GLY A 122 14.86 -11.64 5.58
C GLY A 122 14.14 -11.19 6.83
N GLN A 123 14.63 -10.11 7.42
CA GLN A 123 13.98 -9.50 8.58
C GLN A 123 12.69 -8.83 8.23
N THR A 124 11.85 -8.76 9.25
CA THR A 124 10.60 -8.10 9.13
C THR A 124 10.79 -6.75 9.75
N VAL A 125 10.60 -5.70 8.95
CA VAL A 125 10.81 -4.33 9.41
C VAL A 125 9.50 -3.58 9.46
N SER A 126 9.46 -2.58 10.33
CA SER A 126 8.33 -1.67 10.46
C SER A 126 8.80 -0.24 10.18
N VAL A 127 8.02 0.50 9.39
CA VAL A 127 8.43 1.84 8.91
C VAL A 127 7.28 2.85 8.88
N HIS A 128 7.60 4.15 8.93
CA HIS A 128 6.69 5.20 8.41
C HIS A 128 7.22 5.79 7.13
N TYR A 129 6.32 6.32 6.32
CA TYR A 129 6.74 6.85 5.05
C TYR A 129 5.82 7.95 4.64
N THR A 130 6.32 8.84 3.80
CA THR A 130 5.55 9.79 3.04
C THR A 130 6.17 9.70 1.66
N GLY A 131 5.38 9.80 0.61
CA GLY A 131 5.88 9.66 -0.76
C GLY A 131 5.36 10.78 -1.61
N TRP A 132 6.21 11.32 -2.46
CA TRP A 132 5.85 12.49 -3.30
C TRP A 132 6.20 12.17 -4.68
N LEU A 133 5.46 12.74 -5.64
CA LEU A 133 5.98 12.83 -7.02
C LEU A 133 7.00 13.97 -7.09
N THR A 134 7.76 14.05 -8.18
CA THR A 134 8.91 14.99 -8.29
C THR A 134 8.44 16.43 -8.48
N ASP A 135 7.16 16.66 -8.71
CA ASP A 135 6.67 18.03 -8.68
C ASP A 135 6.17 18.44 -7.28
N GLY A 136 6.62 17.76 -6.22
CA GLY A 136 6.23 18.08 -4.84
C GLY A 136 4.84 17.60 -4.42
N GLN A 137 4.05 17.05 -5.34
CA GLN A 137 2.73 16.50 -4.99
C GLN A 137 2.80 15.21 -4.15
N LYS A 138 2.26 15.27 -2.96
CA LYS A 138 2.18 14.11 -2.07
C LYS A 138 1.19 13.05 -2.52
N PHE A 139 1.58 11.78 -2.50
CA PHE A 139 0.62 10.74 -2.87
C PHE A 139 0.32 9.74 -1.80
N GLY A 140 1.06 9.70 -0.70
CA GLY A 140 0.70 8.75 0.35
C GLY A 140 1.44 8.94 1.66
N SER A 141 0.86 8.53 2.78
CA SER A 141 1.55 8.63 4.05
C SER A 141 1.05 7.68 5.13
N SER A 142 1.96 6.98 5.79
CA SER A 142 1.60 6.14 6.91
C SER A 142 1.18 6.97 8.14
N LYS A 143 1.73 8.17 8.30
CA LYS A 143 1.41 9.08 9.41
C LYS A 143 -0.04 9.54 9.36
N ASP A 144 -0.57 9.83 8.16
CA ASP A 144 -1.98 10.33 8.04
C ASP A 144 -3.06 9.30 8.50
N ARG A 145 -2.63 8.08 8.79
CA ARG A 145 -3.49 7.02 9.33
C ARG A 145 -2.92 6.44 10.62
N ASN A 146 -1.86 7.04 11.15
CA ASN A 146 -1.23 6.59 12.39
C ASN A 146 -0.89 5.10 12.42
N ASP A 147 -0.52 4.57 11.26
CA ASP A 147 -0.34 3.14 11.07
C ASP A 147 1.00 2.80 10.41
N PRO A 148 2.01 2.38 11.22
CA PRO A 148 3.30 1.87 10.75
C PRO A 148 3.13 0.76 9.76
N PHE A 149 4.05 0.67 8.79
CA PHE A 149 4.01 -0.37 7.77
C PHE A 149 5.10 -1.40 8.03
N ALA A 150 4.71 -2.67 8.06
CA ALA A 150 5.65 -3.74 8.28
C ALA A 150 5.71 -4.61 7.04
N PHE A 151 6.90 -5.02 6.65
CA PHE A 151 7.02 -5.97 5.52
C PHE A 151 8.28 -6.81 5.71
N VAL A 152 8.42 -7.83 4.88
CA VAL A 152 9.64 -8.63 4.93
C VAL A 152 10.55 -8.02 3.91
N LEU A 153 11.74 -7.67 4.37
CA LEU A 153 12.74 -6.94 3.58
C LEU A 153 13.37 -7.87 2.61
N GLY A 154 13.23 -7.55 1.33
CA GLY A 154 13.77 -8.38 0.29
C GLY A 154 12.86 -9.53 -0.05
N GLY A 155 11.61 -9.49 0.41
CA GLY A 155 10.64 -10.55 0.07
C GLY A 155 9.63 -10.25 -1.04
N GLY A 156 9.92 -9.26 -1.89
CA GLY A 156 9.07 -8.97 -3.05
C GLY A 156 7.66 -8.48 -2.82
N MET A 157 7.29 -8.14 -1.58
CA MET A 157 5.92 -7.68 -1.23
C MET A 157 5.71 -6.19 -1.46
N VAL A 158 6.81 -5.42 -1.45
CA VAL A 158 6.79 -3.98 -1.67
C VAL A 158 7.41 -3.68 -3.03
N ILE A 159 7.48 -2.42 -3.43
CA ILE A 159 8.11 -2.01 -4.72
C ILE A 159 9.59 -2.19 -4.58
N LYS A 160 10.30 -2.34 -5.69
CA LYS A 160 11.71 -2.77 -5.64
C LYS A 160 12.65 -1.77 -4.98
N GLY A 161 12.43 -0.50 -5.27
CA GLY A 161 13.24 0.53 -4.70
C GLY A 161 13.26 0.43 -3.19
N TRP A 162 12.17 -0.08 -2.61
CA TRP A 162 12.03 -0.19 -1.17
C TRP A 162 12.74 -1.36 -0.58
N ASP A 163 12.69 -2.48 -1.30
CA ASP A 163 13.36 -3.71 -0.91
C ASP A 163 14.86 -3.45 -0.97
N GLU A 164 15.32 -2.74 -2.01
CA GLU A 164 16.74 -2.37 -2.04
C GLU A 164 17.00 -1.22 -1.05
N GLY A 165 16.14 -0.22 -1.08
CA GLY A 165 16.43 1.02 -0.42
C GLY A 165 16.44 0.97 1.08
N VAL A 166 15.65 0.09 1.69
CA VAL A 166 15.56 0.07 3.18
C VAL A 166 16.65 -0.75 3.86
N GLN A 167 17.26 -1.68 3.15
CA GLN A 167 18.43 -2.40 3.66
C GLN A 167 19.54 -1.47 4.08
N GLY A 168 20.16 -1.78 5.21
CA GLY A 168 21.24 -0.97 5.70
C GLY A 168 20.79 0.13 6.63
N MET A 169 19.51 0.54 6.63
CA MET A 169 19.06 1.54 7.61
C MET A 169 19.24 1.06 9.03
N LYS A 170 19.19 1.99 9.97
CA LYS A 170 19.22 1.68 11.39
C LYS A 170 17.98 2.22 12.03
N VAL A 171 17.56 1.67 13.16
CA VAL A 171 16.33 2.10 13.78
C VAL A 171 16.59 3.53 14.22
N GLY A 172 15.56 4.36 14.17
CA GLY A 172 15.74 5.78 14.40
C GLY A 172 16.02 6.50 13.10
N GLY A 173 16.56 5.80 12.11
CA GLY A 173 16.94 6.44 10.85
C GLY A 173 15.82 6.96 9.96
N VAL A 174 16.13 8.01 9.20
CA VAL A 174 15.22 8.50 8.14
C VAL A 174 16.03 8.66 6.86
N ARG A 175 15.52 8.11 5.79
CA ARG A 175 16.27 7.98 4.56
C ARG A 175 15.38 8.44 3.44
N ARG A 176 15.93 9.26 2.58
CA ARG A 176 15.22 9.68 1.38
C ARG A 176 15.61 8.81 0.17
N LEU A 177 14.60 8.20 -0.43
CA LEU A 177 14.75 7.36 -1.61
C LEU A 177 14.23 8.06 -2.84
N THR A 178 15.04 8.15 -3.89
CA THR A 178 14.57 8.57 -5.22
C THR A 178 14.57 7.35 -6.15
N ILE A 179 13.36 6.83 -6.39
CA ILE A 179 13.14 5.52 -7.04
C ILE A 179 12.77 5.76 -8.50
N PRO A 180 13.65 5.35 -9.40
CA PRO A 180 13.24 5.49 -10.78
C PRO A 180 12.11 4.49 -11.05
N PRO A 181 11.27 4.74 -12.05
CA PRO A 181 10.08 3.90 -12.29
C PRO A 181 10.27 2.41 -12.44
N GLN A 182 11.38 1.97 -13.02
CA GLN A 182 11.55 0.55 -13.14
C GLN A 182 11.72 -0.10 -11.79
N LEU A 183 12.06 0.67 -10.74
CA LEU A 183 12.05 0.19 -9.35
C LEU A 183 10.78 0.66 -8.62
N GLY A 184 9.85 1.20 -9.39
CA GLY A 184 8.55 1.62 -8.88
C GLY A 184 7.38 0.90 -9.56
N TYR A 185 6.48 1.69 -10.14
CA TYR A 185 5.27 1.16 -10.77
C TYR A 185 5.36 1.30 -12.27
N GLY A 186 6.56 1.47 -12.78
CA GLY A 186 6.83 1.29 -14.22
C GLY A 186 6.00 2.15 -15.14
N ALA A 187 5.82 1.63 -16.35
CA ALA A 187 4.98 2.22 -17.40
C ALA A 187 3.50 2.27 -17.02
N ARG A 188 3.09 1.37 -16.15
CA ARG A 188 1.69 1.28 -15.78
C ARG A 188 1.29 2.48 -14.94
N GLY A 189 2.07 2.79 -13.89
CA GLY A 189 1.64 3.76 -12.89
C GLY A 189 0.74 3.04 -11.89
N ALA A 190 -0.08 3.79 -11.17
CA ALA A 190 -0.92 3.21 -10.12
C ALA A 190 -2.19 3.99 -9.90
N GLY A 191 -3.31 3.42 -10.28
CA GLY A 191 -4.60 4.05 -10.07
C GLY A 191 -4.64 5.47 -10.55
N GLY A 192 -5.20 6.36 -9.73
CA GLY A 192 -5.26 7.78 -10.05
C GLY A 192 -4.04 8.56 -9.59
N VAL A 193 -3.34 8.05 -8.57
CA VAL A 193 -2.29 8.82 -7.89
C VAL A 193 -0.99 8.88 -8.66
N ILE A 194 -0.43 7.73 -9.05
CA ILE A 194 0.92 7.71 -9.65
C ILE A 194 0.83 7.54 -11.14
N PRO A 195 1.35 8.49 -11.92
CA PRO A 195 1.22 8.40 -13.36
C PRO A 195 2.17 7.39 -13.97
N PRO A 196 2.09 7.17 -15.28
CA PRO A 196 3.06 6.31 -15.92
C PRO A 196 4.47 6.89 -15.86
N ASN A 197 5.45 6.03 -15.62
CA ASN A 197 6.82 6.48 -15.74
C ASN A 197 7.19 7.50 -14.66
N ALA A 198 6.51 7.42 -13.51
CA ALA A 198 6.80 8.38 -12.42
C ALA A 198 8.06 8.00 -11.67
N THR A 199 8.95 8.96 -11.49
CA THR A 199 10.01 8.83 -10.50
C THR A 199 9.33 9.14 -9.18
N LEU A 200 9.70 8.37 -8.13
CA LEU A 200 9.10 8.54 -6.81
C LEU A 200 10.12 8.90 -5.74
N VAL A 201 9.75 9.86 -4.91
CA VAL A 201 10.58 10.34 -3.83
C VAL A 201 9.86 9.94 -2.56
N PHE A 202 10.53 9.15 -1.70
CA PHE A 202 9.96 8.76 -0.39
C PHE A 202 10.87 9.18 0.77
N GLU A 203 10.28 9.54 1.92
CA GLU A 203 11.04 9.61 3.18
C GLU A 203 10.53 8.45 4.04
N VAL A 204 11.45 7.55 4.38
CA VAL A 204 11.14 6.38 5.13
C VAL A 204 11.82 6.44 6.47
N GLU A 205 11.04 6.22 7.55
CA GLU A 205 11.60 6.18 8.90
C GLU A 205 11.55 4.79 9.50
N LEU A 206 12.71 4.23 9.85
CA LEU A 206 12.76 2.86 10.35
C LEU A 206 12.43 2.79 11.83
N LEU A 207 11.29 2.17 12.14
CA LEU A 207 10.80 2.10 13.53
C LEU A 207 11.23 0.83 14.27
N ASP A 208 11.26 -0.30 13.57
CA ASP A 208 11.58 -1.58 14.18
C ASP A 208 12.02 -2.60 13.12
N VAL A 209 12.89 -3.54 13.52
CA VAL A 209 13.45 -4.56 12.61
C VAL A 209 13.36 -5.97 13.22
N THR B 20 -8.45 -45.69 -16.80
CA THR B 20 -7.50 -45.90 -15.66
C THR B 20 -7.39 -44.66 -14.79
N HIS B 21 -7.34 -43.49 -15.43
CA HIS B 21 -7.25 -42.21 -14.73
C HIS B 21 -8.13 -41.15 -15.40
N ILE B 22 -8.48 -40.11 -14.64
CA ILE B 22 -9.41 -39.05 -15.10
C ILE B 22 -8.78 -37.64 -14.98
N ASN B 23 -9.12 -36.76 -15.93
CA ASN B 23 -8.78 -35.33 -15.86
C ASN B 23 -10.02 -34.44 -15.77
N LEU B 24 -10.12 -33.67 -14.69
CA LEU B 24 -11.32 -32.87 -14.44
C LEU B 24 -11.02 -31.40 -14.13
N LYS B 25 -11.71 -30.50 -14.82
CA LYS B 25 -11.65 -29.06 -14.54
C LYS B 25 -12.56 -28.67 -13.36
N VAL B 26 -11.97 -28.08 -12.32
CA VAL B 26 -12.70 -27.48 -11.21
C VAL B 26 -12.69 -25.96 -11.41
N SER B 27 -13.85 -25.32 -11.33
CA SER B 27 -13.96 -23.90 -11.64
C SER B 27 -14.89 -23.17 -10.68
N ASP B 28 -14.44 -22.00 -10.19
CA ASP B 28 -15.29 -21.10 -9.39
C ASP B 28 -15.94 -20.08 -10.30
N SER B 31 -11.25 -18.11 -13.34
CA SER B 31 -10.73 -18.84 -12.19
C SER B 31 -11.04 -20.37 -12.26
N GLU B 32 -10.03 -21.17 -12.64
CA GLU B 32 -10.15 -22.64 -12.71
C GLU B 32 -8.81 -23.40 -12.50
N ILE B 33 -8.91 -24.63 -12.02
CA ILE B 33 -7.77 -25.51 -11.75
C ILE B 33 -8.10 -26.90 -12.26
N PHE B 34 -7.07 -27.71 -12.52
CA PHE B 34 -7.24 -29.07 -13.05
C PHE B 34 -6.65 -30.13 -12.12
N PHE B 35 -7.27 -31.31 -12.12
CA PHE B 35 -6.85 -32.44 -11.29
C PHE B 35 -6.79 -33.71 -12.14
N LYS B 36 -5.74 -34.50 -11.98
CA LYS B 36 -5.69 -35.86 -12.52
C LYS B 36 -5.90 -36.79 -11.34
N ILE B 37 -6.96 -37.61 -11.41
CA ILE B 37 -7.35 -38.54 -10.32
C ILE B 37 -7.57 -39.91 -10.91
N LYS B 38 -7.30 -40.96 -10.13
CA LYS B 38 -7.74 -42.32 -10.53
C LYS B 38 -9.27 -42.42 -10.51
N LYS B 39 -9.83 -42.99 -11.58
CA LYS B 39 -11.29 -43.23 -11.71
C LYS B 39 -11.93 -43.83 -10.46
N THR B 40 -11.19 -44.60 -9.68
CA THR B 40 -11.73 -45.24 -8.44
C THR B 40 -11.47 -44.45 -7.13
N THR B 41 -10.95 -43.26 -7.23
CA THR B 41 -10.56 -42.57 -6.04
C THR B 41 -11.76 -41.79 -5.54
N PRO B 42 -11.96 -41.75 -4.20
CA PRO B 42 -12.98 -40.88 -3.65
C PRO B 42 -12.67 -39.40 -3.91
N LEU B 43 -13.67 -38.67 -4.39
CA LEU B 43 -13.56 -37.26 -4.72
C LEU B 43 -13.21 -36.39 -3.53
N ARG B 44 -13.31 -36.91 -2.30
CA ARG B 44 -12.85 -36.16 -1.12
C ARG B 44 -11.40 -35.71 -1.35
N ARG B 45 -10.60 -36.56 -1.98
CA ARG B 45 -9.20 -36.23 -2.26
C ARG B 45 -9.11 -34.95 -3.10
N LEU B 46 -9.91 -34.87 -4.16
CA LEU B 46 -9.94 -33.70 -5.01
C LEU B 46 -10.53 -32.53 -4.23
N MET B 47 -11.67 -32.77 -3.61
CA MET B 47 -12.33 -31.75 -2.80
C MET B 47 -11.38 -31.16 -1.75
N GLU B 48 -10.61 -32.02 -1.07
CA GLU B 48 -9.69 -31.55 -0.01
C GLU B 48 -8.49 -30.80 -0.58
N ALA B 49 -8.02 -31.20 -1.77
CA ALA B 49 -6.89 -30.52 -2.40
C ALA B 49 -7.26 -29.09 -2.72
N PHE B 50 -8.44 -28.94 -3.33
CA PHE B 50 -8.99 -27.64 -3.66
C PHE B 50 -9.06 -26.77 -2.40
N ALA B 51 -9.63 -27.34 -1.34
CA ALA B 51 -9.90 -26.66 -0.07
C ALA B 51 -8.67 -26.08 0.60
N LYS B 52 -7.65 -26.92 0.80
CA LYS B 52 -6.42 -26.51 1.50
C LYS B 52 -5.63 -25.44 0.73
N ARG B 53 -5.83 -25.37 -0.58
CA ARG B 53 -5.22 -24.32 -1.44
C ARG B 53 -5.93 -22.95 -1.28
N GLN B 54 -7.23 -22.99 -0.97
CA GLN B 54 -7.99 -21.78 -0.68
C GLN B 54 -7.76 -21.28 0.75
N GLY B 55 -7.15 -22.12 1.60
CA GLY B 55 -7.07 -21.85 3.04
C GLY B 55 -8.46 -21.85 3.66
N LYS B 56 -9.33 -22.70 3.09
CA LYS B 56 -10.76 -22.69 3.38
C LYS B 56 -11.19 -24.06 3.85
N GLU B 57 -12.02 -24.10 4.88
CA GLU B 57 -12.52 -25.37 5.40
C GLU B 57 -13.54 -26.03 4.47
N MET B 58 -13.45 -27.35 4.36
CA MET B 58 -14.23 -28.11 3.37
C MET B 58 -15.70 -27.70 3.41
N ASP B 59 -16.23 -27.53 4.62
CA ASP B 59 -17.61 -27.15 4.86
C ASP B 59 -18.01 -25.99 3.99
N SER B 60 -17.18 -24.95 3.96
CA SER B 60 -17.52 -23.70 3.28
C SER B 60 -17.85 -23.96 1.82
N LEU B 61 -17.38 -25.09 1.30
CA LEU B 61 -17.52 -25.35 -0.11
C LEU B 61 -18.61 -26.35 -0.40
N ARG B 62 -19.18 -26.22 -1.58
CA ARG B 62 -20.11 -27.20 -2.10
C ARG B 62 -19.66 -27.42 -3.54
N PHE B 63 -19.74 -28.66 -3.99
CA PHE B 63 -19.21 -29.05 -5.30
C PHE B 63 -20.31 -29.70 -6.12
N LEU B 64 -20.56 -29.12 -7.29
CA LEU B 64 -21.63 -29.59 -8.16
C LEU B 64 -21.06 -30.22 -9.42
N TYR B 65 -21.75 -31.26 -9.88
CA TYR B 65 -21.46 -31.90 -11.15
C TYR B 65 -22.79 -32.27 -11.79
N ASP B 66 -22.96 -31.88 -13.05
CA ASP B 66 -24.22 -32.08 -13.76
C ASP B 66 -25.42 -31.59 -12.93
N GLY B 67 -25.21 -30.54 -12.14
CA GLY B 67 -26.27 -29.93 -11.33
C GLY B 67 -26.54 -30.56 -9.97
N ILE B 68 -26.05 -31.78 -9.75
CA ILE B 68 -26.25 -32.43 -8.45
C ILE B 68 -24.98 -32.29 -7.61
N ARG B 69 -25.15 -31.87 -6.35
CA ARG B 69 -24.06 -31.81 -5.36
C ARG B 69 -23.33 -33.15 -5.23
N ILE B 70 -22.05 -33.07 -4.85
CA ILE B 70 -21.13 -34.20 -4.85
C ILE B 70 -20.87 -34.68 -3.43
N GLN B 71 -20.90 -35.99 -3.25
CA GLN B 71 -20.66 -36.60 -1.95
C GLN B 71 -19.17 -36.96 -1.86
N ALA B 72 -18.58 -36.83 -0.67
CA ALA B 72 -17.15 -37.13 -0.48
C ALA B 72 -16.82 -38.57 -0.85
N ASP B 73 -17.77 -39.47 -0.59
CA ASP B 73 -17.67 -40.90 -0.88
C ASP B 73 -17.82 -41.25 -2.37
N GLN B 74 -18.41 -40.35 -3.17
CA GLN B 74 -18.67 -40.66 -4.58
C GLN B 74 -17.37 -40.59 -5.39
N THR B 75 -17.23 -41.48 -6.38
CA THR B 75 -16.07 -41.47 -7.27
C THR B 75 -16.49 -41.09 -8.70
N PRO B 76 -15.52 -40.72 -9.55
CA PRO B 76 -15.80 -40.41 -10.94
C PRO B 76 -16.56 -41.53 -11.64
N GLU B 77 -16.32 -42.77 -11.19
CA GLU B 77 -16.90 -43.99 -11.73
C GLU B 77 -18.36 -44.10 -11.30
N ASP B 78 -18.60 -43.87 -10.01
CA ASP B 78 -19.94 -43.82 -9.47
C ASP B 78 -20.80 -42.85 -10.25
N LEU B 79 -20.23 -41.74 -10.65
CA LEU B 79 -21.00 -40.71 -11.35
C LEU B 79 -20.77 -40.75 -12.88
N ASP B 80 -20.00 -41.74 -13.33
CA ASP B 80 -19.71 -41.94 -14.75
C ASP B 80 -19.24 -40.65 -15.44
N MET B 81 -18.20 -40.05 -14.88
CA MET B 81 -17.60 -38.83 -15.43
C MET B 81 -16.67 -39.20 -16.58
N GLU B 82 -16.64 -38.39 -17.64
CA GLU B 82 -15.66 -38.57 -18.72
C GLU B 82 -14.53 -37.55 -18.55
N ASP B 83 -13.37 -37.81 -19.14
CA ASP B 83 -12.21 -36.95 -18.92
C ASP B 83 -12.50 -35.53 -19.37
N ASN B 84 -12.02 -34.54 -18.61
CA ASN B 84 -12.24 -33.15 -18.95
C ASN B 84 -13.68 -32.69 -18.69
N ASP B 85 -14.34 -33.29 -17.69
CA ASP B 85 -15.68 -32.88 -17.28
C ASP B 85 -15.62 -31.88 -16.13
N ILE B 86 -16.52 -30.90 -16.17
CA ILE B 86 -16.50 -29.77 -15.24
C ILE B 86 -17.15 -30.01 -13.87
N ILE B 87 -16.41 -29.72 -12.80
CA ILE B 87 -17.00 -29.61 -11.45
C ILE B 87 -17.09 -28.15 -11.03
N GLU B 88 -18.30 -27.69 -10.75
CA GLU B 88 -18.53 -26.31 -10.35
C GLU B 88 -18.50 -26.23 -8.83
N ALA B 89 -17.53 -25.49 -8.29
CA ALA B 89 -17.41 -25.27 -6.84
C ALA B 89 -17.97 -23.88 -6.44
N HIS B 90 -18.53 -23.81 -5.24
CA HIS B 90 -19.27 -22.63 -4.77
C HIS B 90 -19.16 -22.51 -3.28
N ARG B 91 -19.27 -21.28 -2.76
CA ARG B 91 -19.18 -21.05 -1.34
C ARG B 91 -20.58 -21.14 -0.77
N GLU B 92 -20.69 -21.56 0.49
CA GLU B 92 -21.97 -21.61 1.22
C GLU B 92 -21.71 -21.49 2.73
N GLN B 93 -22.65 -20.87 3.43
CA GLN B 93 -22.50 -20.54 4.85
C GLN B 93 -23.15 -21.58 5.77
N GLY B 96 -28.38 -19.62 4.61
CA GLY B 96 -27.53 -19.85 3.42
C GLY B 96 -26.54 -18.71 3.22
N SER B 97 -26.40 -18.25 1.98
CA SER B 97 -25.50 -17.12 1.68
C SER B 97 -26.23 -16.08 0.84
N THR B 98 -25.82 -14.83 0.98
CA THR B 98 -26.37 -13.72 0.22
C THR B 98 -25.26 -12.82 -0.37
N VAL B 99 -25.25 -12.75 -1.70
CA VAL B 99 -24.33 -11.90 -2.45
C VAL B 99 -25.06 -10.57 -2.77
N VAL B 100 -24.73 -9.54 -1.99
CA VAL B 100 -25.34 -8.22 -2.12
C VAL B 100 -24.59 -7.42 -3.18
N THR B 101 -25.35 -6.74 -4.04
CA THR B 101 -24.78 -5.79 -4.99
C THR B 101 -25.35 -4.38 -4.76
N THR B 102 -24.48 -3.42 -4.40
CA THR B 102 -24.95 -2.06 -4.19
C THR B 102 -25.01 -1.35 -5.52
N GLU B 103 -25.40 -0.09 -5.47
CA GLU B 103 -25.65 0.70 -6.68
C GLU B 103 -24.33 0.95 -7.38
N SER B 104 -23.35 1.35 -6.55
CA SER B 104 -21.98 1.59 -6.98
C SER B 104 -21.38 0.46 -7.83
N GLY B 105 -21.94 -0.75 -7.76
CA GLY B 105 -21.45 -1.90 -8.55
C GLY B 105 -20.68 -2.91 -7.70
N LEU B 106 -20.11 -2.44 -6.59
CA LEU B 106 -19.50 -3.29 -5.56
C LEU B 106 -20.36 -4.50 -5.24
N LYS B 107 -19.73 -5.63 -5.01
CA LYS B 107 -20.42 -6.80 -4.50
C LYS B 107 -19.81 -7.18 -3.15
N TYR B 108 -20.65 -7.70 -2.25
CA TYR B 108 -20.13 -8.28 -1.00
C TYR B 108 -21.00 -9.43 -0.44
N GLU B 109 -20.32 -10.41 0.17
CA GLU B 109 -20.94 -11.54 0.84
C GLU B 109 -20.31 -11.58 2.21
N ASP B 110 -21.13 -11.76 3.23
CA ASP B 110 -20.63 -11.94 4.59
C ASP B 110 -20.31 -13.40 4.90
N LEU B 111 -19.04 -13.71 5.11
CA LEU B 111 -18.63 -15.08 5.36
C LEU B 111 -18.81 -15.34 6.82
N THR B 112 -18.33 -14.41 7.64
CA THR B 112 -18.65 -14.43 9.05
C THR B 112 -19.36 -13.13 9.38
N GLU B 113 -20.56 -13.27 9.94
CA GLU B 113 -21.22 -12.20 10.68
C GLU B 113 -20.43 -11.94 11.96
N GLY B 114 -20.06 -10.68 12.15
CA GLY B 114 -19.17 -10.34 13.25
C GLY B 114 -19.93 -10.04 14.53
N SER B 115 -19.47 -10.61 15.63
CA SER B 115 -19.88 -10.17 16.96
C SER B 115 -19.30 -8.78 17.24
N GLU B 118 -20.31 -2.01 15.41
CA GLU B 118 -20.43 -1.79 13.97
C GLU B 118 -19.57 -0.61 13.43
N ALA B 119 -19.03 -0.79 12.22
CA ALA B 119 -18.12 0.19 11.63
C ALA B 119 -18.89 1.32 10.97
N ARG B 120 -18.57 2.56 11.38
CA ARG B 120 -19.18 3.77 10.86
C ARG B 120 -18.14 4.70 10.22
N ALA B 121 -18.52 5.42 9.16
CA ALA B 121 -17.65 6.45 8.60
C ALA B 121 -17.13 7.37 9.73
N GLY B 122 -15.87 7.79 9.61
CA GLY B 122 -15.17 8.58 10.61
C GLY B 122 -14.40 7.84 11.70
N GLN B 123 -14.55 6.51 11.77
CA GLN B 123 -13.72 5.73 12.69
C GLN B 123 -12.44 5.27 12.01
N THR B 124 -11.35 5.28 12.78
CA THR B 124 -10.13 4.58 12.39
C THR B 124 -10.32 3.06 12.62
N VAL B 125 -10.44 2.30 11.53
CA VAL B 125 -10.66 0.85 11.61
C VAL B 125 -9.39 0.15 11.26
N SER B 126 -9.25 -1.06 11.79
CA SER B 126 -8.10 -1.90 11.54
C SER B 126 -8.54 -3.26 11.03
N VAL B 127 -7.98 -3.65 9.88
CA VAL B 127 -8.39 -4.86 9.20
C VAL B 127 -7.22 -5.77 8.80
N HIS B 128 -7.56 -6.99 8.44
CA HIS B 128 -6.64 -7.87 7.78
C HIS B 128 -7.29 -8.16 6.49
N TYR B 129 -6.51 -8.53 5.50
CA TYR B 129 -7.06 -8.66 4.17
C TYR B 129 -6.20 -9.56 3.28
N THR B 130 -6.84 -10.15 2.30
CA THR B 130 -6.16 -10.88 1.26
C THR B 130 -6.82 -10.52 -0.06
N GLY B 131 -6.02 -10.26 -1.07
CA GLY B 131 -6.58 -9.86 -2.36
C GLY B 131 -6.14 -10.81 -3.45
N TRP B 132 -7.08 -11.14 -4.32
CA TRP B 132 -6.81 -11.90 -5.51
C TRP B 132 -7.31 -11.20 -6.73
N LEU B 133 -6.63 -11.44 -7.85
CA LEU B 133 -7.13 -11.01 -9.15
C LEU B 133 -8.29 -11.94 -9.43
N THR B 134 -8.98 -11.79 -10.56
CA THR B 134 -10.01 -12.79 -10.87
C THR B 134 -9.45 -14.02 -11.59
N ASP B 135 -8.15 -14.01 -11.90
CA ASP B 135 -7.48 -15.23 -12.37
C ASP B 135 -7.27 -16.26 -11.24
N GLY B 136 -7.61 -15.88 -10.00
CA GLY B 136 -7.25 -16.64 -8.80
C GLY B 136 -5.87 -16.27 -8.23
N GLN B 137 -5.11 -15.46 -8.97
CA GLN B 137 -3.78 -15.03 -8.55
C GLN B 137 -3.85 -14.10 -7.35
N LYS B 138 -3.12 -14.46 -6.30
CA LYS B 138 -3.14 -13.69 -5.06
C LYS B 138 -2.10 -12.56 -5.10
N PHE B 139 -2.56 -11.32 -4.99
CA PHE B 139 -1.63 -10.19 -5.14
C PHE B 139 -1.25 -9.50 -3.85
N GLY B 140 -1.91 -9.83 -2.74
CA GLY B 140 -1.62 -9.14 -1.48
C GLY B 140 -2.23 -9.74 -0.25
N SER B 141 -1.55 -9.60 0.88
CA SER B 141 -2.16 -9.94 2.17
C SER B 141 -1.42 -9.36 3.35
N SER B 142 -2.16 -8.76 4.26
CA SER B 142 -1.59 -8.27 5.51
C SER B 142 -1.11 -9.37 6.46
N LYS B 143 -1.83 -10.50 6.48
CA LYS B 143 -1.46 -11.64 7.31
C LYS B 143 -0.02 -12.09 7.02
N ASP B 144 0.39 -12.06 5.75
CA ASP B 144 1.75 -12.53 5.38
C ASP B 144 2.84 -11.62 5.94
N ARG B 145 2.49 -10.36 6.20
CA ARG B 145 3.37 -9.38 6.85
C ARG B 145 3.19 -9.34 8.40
N ASN B 146 2.12 -9.93 8.92
CA ASN B 146 1.84 -9.97 10.37
C ASN B 146 1.33 -8.62 10.88
N ASP B 147 0.70 -7.87 9.97
CA ASP B 147 0.53 -6.44 10.11
C ASP B 147 -0.83 -5.99 9.58
N PRO B 148 -1.79 -5.74 10.49
CA PRO B 148 -3.10 -5.15 10.15
C PRO B 148 -3.01 -3.78 9.54
N PHE B 149 -3.95 -3.47 8.67
CA PHE B 149 -4.04 -2.18 8.01
C PHE B 149 -5.11 -1.31 8.67
N ALA B 150 -4.71 -0.10 9.09
CA ALA B 150 -5.61 0.86 9.76
C ALA B 150 -5.85 2.04 8.84
N PHE B 151 -7.08 2.52 8.82
CA PHE B 151 -7.41 3.71 8.05
C PHE B 151 -8.70 4.31 8.52
N VAL B 152 -8.84 5.62 8.30
CA VAL B 152 -10.06 6.34 8.65
C VAL B 152 -11.12 6.03 7.59
N LEU B 153 -12.18 5.35 8.02
CA LEU B 153 -13.19 4.86 7.11
C LEU B 153 -13.96 5.98 6.48
N GLY B 154 -14.03 5.98 5.15
CA GLY B 154 -14.78 6.98 4.39
C GLY B 154 -13.92 8.13 3.91
N GLY B 155 -12.62 8.05 4.21
CA GLY B 155 -11.67 9.14 3.96
C GLY B 155 -11.08 9.30 2.57
N GLY B 156 -11.27 8.30 1.70
CA GLY B 156 -10.60 8.31 0.40
C GLY B 156 -9.12 8.01 0.54
N MET B 157 -8.75 7.37 1.66
CA MET B 157 -7.39 6.96 1.95
C MET B 157 -7.11 5.61 1.33
N VAL B 158 -8.18 4.98 0.86
CA VAL B 158 -8.11 3.65 0.26
C VAL B 158 -8.90 3.72 -1.02
N ILE B 159 -8.97 2.61 -1.73
CA ILE B 159 -9.80 2.48 -2.92
C ILE B 159 -11.26 2.55 -2.53
N LYS B 160 -12.11 2.97 -3.47
CA LYS B 160 -13.53 3.23 -3.19
C LYS B 160 -14.29 2.00 -2.65
N GLY B 161 -14.12 0.84 -3.26
CA GLY B 161 -14.76 -0.40 -2.77
C GLY B 161 -14.46 -0.73 -1.32
N TRP B 162 -13.31 -0.30 -0.85
CA TRP B 162 -12.98 -0.44 0.57
C TRP B 162 -13.68 0.53 1.47
N ASP B 163 -13.68 1.81 1.07
CA ASP B 163 -14.35 2.85 1.83
C ASP B 163 -15.82 2.49 1.90
N GLU B 164 -16.40 2.04 0.77
CA GLU B 164 -17.77 1.58 0.79
C GLU B 164 -17.93 0.21 1.51
N GLY B 165 -17.23 -0.80 1.04
CA GLY B 165 -17.41 -2.18 1.47
C GLY B 165 -17.18 -2.50 2.93
N VAL B 166 -16.20 -1.88 3.58
CA VAL B 166 -15.93 -2.19 4.98
C VAL B 166 -17.02 -1.62 5.88
N GLN B 167 -17.80 -0.68 5.34
CA GLN B 167 -18.88 -0.09 6.10
C GLN B 167 -20.04 -1.04 6.12
N GLY B 168 -20.46 -1.36 7.33
CA GLY B 168 -21.48 -2.36 7.60
C GLY B 168 -20.93 -3.51 8.43
N MET B 169 -19.62 -3.71 8.37
CA MET B 169 -18.98 -4.83 9.05
C MET B 169 -19.00 -4.65 10.57
N LYS B 170 -18.85 -5.77 11.28
CA LYS B 170 -18.73 -5.75 12.71
C LYS B 170 -17.50 -6.55 13.13
N VAL B 171 -16.90 -6.12 14.23
CA VAL B 171 -15.63 -6.67 14.71
C VAL B 171 -15.68 -8.21 14.81
N GLY B 172 -14.62 -8.88 14.40
CA GLY B 172 -14.63 -10.32 14.25
C GLY B 172 -15.10 -10.75 12.86
N GLY B 173 -15.74 -9.85 12.13
CA GLY B 173 -16.47 -10.20 10.89
C GLY B 173 -15.52 -10.49 9.75
N VAL B 174 -15.96 -11.27 8.78
CA VAL B 174 -15.20 -11.49 7.55
C VAL B 174 -16.06 -11.25 6.33
N ARG B 175 -15.65 -10.31 5.49
CA ARG B 175 -16.42 -9.99 4.32
C ARG B 175 -15.62 -10.14 3.05
N ARG B 176 -16.27 -10.69 2.04
CA ARG B 176 -15.69 -10.88 0.72
C ARG B 176 -16.23 -9.90 -0.28
N LEU B 177 -15.33 -9.05 -0.77
CA LEU B 177 -15.67 -7.98 -1.70
C LEU B 177 -15.19 -8.37 -3.06
N THR B 178 -16.05 -8.16 -4.04
CA THR B 178 -15.68 -8.25 -5.42
C THR B 178 -15.81 -6.82 -5.88
N ILE B 179 -14.67 -6.22 -6.23
CA ILE B 179 -14.63 -4.82 -6.64
C ILE B 179 -14.37 -4.60 -8.13
N PRO B 180 -15.26 -3.87 -8.83
CA PRO B 180 -14.93 -3.56 -10.21
C PRO B 180 -13.84 -2.48 -10.28
N PRO B 181 -13.26 -2.27 -11.47
CA PRO B 181 -12.08 -1.43 -11.58
C PRO B 181 -12.32 0.03 -11.20
N GLN B 182 -13.53 0.52 -11.43
CA GLN B 182 -13.85 1.90 -11.10
C GLN B 182 -13.71 2.11 -9.63
N LEU B 183 -14.03 1.11 -8.83
CA LEU B 183 -13.82 1.25 -7.40
C LEU B 183 -12.48 0.69 -6.97
N GLY B 184 -11.63 0.41 -7.96
CA GLY B 184 -10.33 -0.21 -7.71
C GLY B 184 -9.18 0.66 -8.17
N TYR B 185 -8.42 0.16 -9.14
CA TYR B 185 -7.27 0.85 -9.72
C TYR B 185 -7.49 1.15 -11.20
N GLY B 186 -8.72 0.99 -11.65
CA GLY B 186 -9.17 1.52 -12.94
C GLY B 186 -8.40 1.08 -14.15
N ALA B 187 -8.29 2.01 -15.11
CA ALA B 187 -7.66 1.73 -16.40
C ALA B 187 -6.13 1.63 -16.28
N ARG B 188 -5.56 2.20 -15.23
CA ARG B 188 -4.14 2.03 -15.04
C ARG B 188 -3.80 0.66 -14.52
N GLY B 189 -4.52 0.19 -13.50
CA GLY B 189 -4.05 -0.96 -12.74
C GLY B 189 -2.98 -0.49 -11.78
N ALA B 190 -2.11 -1.37 -11.33
CA ALA B 190 -1.03 -0.96 -10.46
C ALA B 190 0.28 -1.68 -10.76
N GLY B 191 1.19 -0.96 -11.39
CA GLY B 191 2.55 -1.46 -11.63
C GLY B 191 2.54 -2.83 -12.27
N GLY B 192 3.36 -3.75 -11.78
CA GLY B 192 3.38 -5.14 -12.27
C GLY B 192 2.23 -6.04 -11.82
N VAL B 193 1.85 -5.86 -10.56
CA VAL B 193 0.90 -6.75 -9.88
C VAL B 193 -0.54 -6.70 -10.39
N ILE B 194 -1.10 -5.51 -10.53
CA ILE B 194 -2.51 -5.42 -10.87
C ILE B 194 -2.69 -4.91 -12.28
N PRO B 195 -3.22 -5.76 -13.17
CA PRO B 195 -3.41 -5.37 -14.58
C PRO B 195 -4.44 -4.28 -14.77
N PRO B 196 -4.59 -3.80 -16.02
CA PRO B 196 -5.53 -2.72 -16.28
C PRO B 196 -6.94 -3.23 -16.30
N ASN B 197 -7.88 -2.42 -15.81
CA ASN B 197 -9.31 -2.77 -15.80
C ASN B 197 -9.55 -4.06 -15.01
N ALA B 198 -8.73 -4.28 -13.98
CA ALA B 198 -8.79 -5.53 -13.22
C ALA B 198 -9.89 -5.43 -12.18
N THR B 199 -10.72 -6.45 -12.19
CA THR B 199 -11.72 -6.63 -11.15
C THR B 199 -11.04 -7.44 -10.04
N LEU B 200 -11.29 -7.01 -8.81
CA LEU B 200 -10.51 -7.47 -7.67
C LEU B 200 -11.38 -8.20 -6.68
N VAL B 201 -10.81 -9.16 -5.96
CA VAL B 201 -11.58 -9.88 -4.94
C VAL B 201 -10.82 -9.71 -3.64
N PHE B 202 -11.54 -9.34 -2.58
CA PHE B 202 -10.90 -9.14 -1.28
C PHE B 202 -11.65 -9.88 -0.22
N GLU B 203 -10.96 -10.36 0.80
CA GLU B 203 -11.59 -10.89 2.01
C GLU B 203 -11.04 -10.07 3.15
N VAL B 204 -11.89 -9.19 3.69
CA VAL B 204 -11.47 -8.29 4.75
C VAL B 204 -11.92 -8.85 6.10
N GLU B 205 -11.00 -8.83 7.07
CA GLU B 205 -11.30 -9.16 8.46
C GLU B 205 -11.22 -7.89 9.29
N LEU B 206 -12.35 -7.51 9.89
CA LEU B 206 -12.41 -6.31 10.69
C LEU B 206 -11.98 -6.67 12.10
N LEU B 207 -10.92 -6.02 12.58
CA LEU B 207 -10.35 -6.34 13.91
C LEU B 207 -10.73 -5.35 15.01
N ASP B 208 -10.98 -4.11 14.63
CA ASP B 208 -11.20 -3.05 15.60
C ASP B 208 -11.88 -1.87 14.92
N VAL B 209 -12.52 -1.02 15.74
CA VAL B 209 -13.22 0.18 15.25
C VAL B 209 -13.23 1.26 16.34
#